data_6GUR
#
_entry.id   6GUR
#
_cell.length_a   54.740
_cell.length_b   89.990
_cell.length_c   129.810
_cell.angle_alpha   90.00
_cell.angle_beta   90.00
_cell.angle_gamma   90.00
#
_symmetry.space_group_name_H-M   'P 21 21 21'
#
loop_
_entity.id
_entity.type
_entity.pdbx_description
1 polymer 'Siderophore triacetylfusarinine C esterase'
2 non-polymer (~{Z})-5-[(1~{S},2~{S})-2-acetamido-1-oxidanyl-5-[oxidanyl(propanoyl)amino]pentoxy]-~{N},3-dimethyl-~{N}-oxidanyl-pent-2-enamide
3 non-polymer 'FE (III) ION'
4 non-polymer GLYCEROL
5 non-polymer 'CARBONATE ION'
6 water water
#
_entity_poly.entity_id   1
_entity_poly.type   'polypeptide(L)'
_entity_poly.pdbx_seq_one_letter_code
;GSDRPTPVPLPNSEQFYLENDRGEPYLIQVSWPLHWEDKQTGRGPLPIIYIVDGNALFLTATEAAWRRAAASHFAGGGII
VAIGYPLKGKLYDARRRSFDLTPPTACAPVGYGGADVFLDFIENSVRPAVQARFPQVSLAREALYGHSYGGLLALHALFT
RPQSFDCYIASSPSIWWNSLCILHEAKAFVETKKVSHDQSPSLMVSWGSWEQHPPRWADELLDHYEARKRTAAELRMADN
ALDLCAMLHGCSRLHALIKTEYEGEDHTSVMSCSVSRGLTMFFEDWPFHQSG
;
_entity_poly.pdbx_strand_id   A,B
#
loop_
_chem_comp.id
_chem_comp.type
_chem_comp.name
_chem_comp.formula
CO3 non-polymer 'CARBONATE ION' 'C O3 -2'
FE non-polymer 'FE (III) ION' 'Fe 3'
FN8 non-polymer (~{Z})-5-[(1~{S},2~{S})-2-acetamido-1-oxidanyl-5-[oxidanyl(propanoyl)amino]pentoxy]-~{N},3-dimethyl-~{N}-oxidanyl-pent-2-enamide 'C17 H31 N3 O7'
GOL non-polymer GLYCEROL 'C3 H8 O3'
#
# COMPACT_ATOMS: atom_id res chain seq x y z
N VAL A 8 8.65 -19.43 -7.29
CA VAL A 8 9.46 -19.09 -6.08
C VAL A 8 8.53 -18.59 -4.98
N PRO A 9 8.58 -19.19 -3.76
CA PRO A 9 7.71 -18.76 -2.66
C PRO A 9 8.20 -17.46 -2.00
N LEU A 10 7.32 -16.83 -1.23
CA LEU A 10 7.66 -15.65 -0.43
C LEU A 10 8.69 -16.05 0.63
N PRO A 11 9.74 -15.24 0.88
CA PRO A 11 10.67 -15.49 1.97
C PRO A 11 10.07 -15.10 3.33
N ASN A 12 10.60 -15.70 4.40
CA ASN A 12 10.25 -15.36 5.79
C ASN A 12 8.73 -15.28 5.96
N SER A 13 8.04 -16.36 5.57
CA SER A 13 6.59 -16.47 5.69
C SER A 13 6.16 -17.94 5.62
N GLU A 14 4.97 -18.22 6.15
CA GLU A 14 4.36 -19.54 6.08
C GLU A 14 2.83 -19.38 6.17
N GLN A 15 2.12 -20.47 5.84
CA GLN A 15 0.66 -20.51 5.93
C GLN A 15 0.22 -21.91 6.37
N PHE A 16 -0.90 -21.96 7.08
CA PHE A 16 -1.50 -23.19 7.56
C PHE A 16 -3.02 -23.00 7.73
N TYR A 17 -3.75 -24.11 7.76
CA TYR A 17 -5.20 -24.10 7.88
C TYR A 17 -5.59 -24.36 9.34
N LEU A 18 -6.48 -23.51 9.87
CA LEU A 18 -7.14 -23.71 11.16
C LEU A 18 -8.65 -23.82 10.92
N GLU A 19 -9.29 -24.71 11.70
CA GLU A 19 -10.73 -24.84 11.74
C GLU A 19 -11.24 -24.22 13.04
N ASN A 20 -12.36 -23.49 12.95
CA ASN A 20 -13.04 -22.94 14.12
C ASN A 20 -13.76 -24.09 14.86
N ASP A 21 -14.46 -23.76 15.94
CA ASP A 21 -15.12 -24.76 16.79
C ASP A 21 -16.28 -25.44 16.04
N ARG A 22 -16.66 -24.90 14.88
CA ARG A 22 -17.77 -25.40 14.08
C ARG A 22 -17.26 -26.07 12.79
N GLY A 23 -15.95 -26.25 12.68
CA GLY A 23 -15.33 -27.04 11.61
C GLY A 23 -15.21 -26.28 10.30
N GLU A 24 -15.32 -24.94 10.34
CA GLU A 24 -15.16 -24.09 9.16
C GLU A 24 -13.69 -23.72 9.00
N PRO A 25 -13.08 -23.93 7.80
CA PRO A 25 -11.64 -23.72 7.62
C PRO A 25 -11.24 -22.25 7.41
N TYR A 26 -10.04 -21.90 7.88
CA TYR A 26 -9.44 -20.58 7.69
C TYR A 26 -7.98 -20.73 7.25
N LEU A 27 -7.55 -19.92 6.28
CA LEU A 27 -6.16 -19.83 5.85
C LEU A 27 -5.45 -18.76 6.69
N ILE A 28 -4.54 -19.19 7.57
CA ILE A 28 -3.72 -18.31 8.39
C ILE A 28 -2.37 -18.13 7.71
N GLN A 29 -2.09 -16.91 7.24
CA GLN A 29 -0.83 -16.55 6.61
C GLN A 29 -0.02 -15.67 7.57
N VAL A 30 1.24 -16.06 7.79
CA VAL A 30 2.12 -15.41 8.76
C VAL A 30 3.42 -15.01 8.06
N SER A 31 3.92 -13.81 8.38
CA SER A 31 5.23 -13.33 7.93
C SER A 31 5.95 -12.63 9.10
N TRP A 32 7.28 -12.65 9.04
CA TRP A 32 8.16 -12.09 10.07
C TRP A 32 9.28 -11.31 9.39
N PRO A 33 9.97 -10.39 10.12
CA PRO A 33 10.96 -9.49 9.50
C PRO A 33 11.93 -10.20 8.54
N LEU A 34 12.26 -9.53 7.43
CA LEU A 34 12.98 -10.12 6.29
C LEU A 34 14.44 -10.36 6.65
N HIS A 35 15.00 -9.56 7.55
CA HIS A 35 16.42 -9.63 7.93
C HIS A 35 16.69 -10.86 8.81
N TRP A 36 15.62 -11.48 9.35
CA TRP A 36 15.73 -12.74 10.09
C TRP A 36 16.18 -13.87 9.16
N GLU A 37 17.03 -14.76 9.66
CA GLU A 37 17.46 -15.96 8.95
C GLU A 37 16.43 -17.08 9.18
N ASP A 38 16.01 -17.24 10.43
CA ASP A 38 14.98 -18.21 10.84
C ASP A 38 13.88 -17.48 11.62
N LYS A 39 12.81 -18.21 11.94
CA LYS A 39 11.76 -17.74 12.86
C LYS A 39 12.33 -17.59 14.27
N GLN A 40 13.34 -18.41 14.60
CA GLN A 40 13.94 -18.48 15.93
C GLN A 40 14.89 -17.29 16.16
N THR A 41 15.19 -16.53 15.10
CA THR A 41 16.04 -15.33 15.18
C THR A 41 15.46 -14.34 16.21
N GLY A 42 14.16 -14.09 16.12
CA GLY A 42 13.46 -13.14 16.97
C GLY A 42 13.38 -13.61 18.41
N ARG A 43 13.75 -12.72 19.34
CA ARG A 43 13.71 -12.98 20.78
C ARG A 43 13.00 -11.82 21.49
N GLY A 44 12.36 -12.13 22.63
CA GLY A 44 11.77 -11.13 23.51
C GLY A 44 10.43 -10.61 22.99
N PRO A 45 9.93 -9.46 23.52
CA PRO A 45 8.63 -8.93 23.11
C PRO A 45 8.61 -8.35 21.69
N LEU A 46 7.58 -8.72 20.92
CA LEU A 46 7.35 -8.22 19.56
C LEU A 46 5.88 -7.82 19.41
N PRO A 47 5.56 -6.76 18.63
CA PRO A 47 4.18 -6.45 18.28
C PRO A 47 3.66 -7.41 17.20
N ILE A 48 2.33 -7.64 17.21
CA ILE A 48 1.68 -8.53 16.25
C ILE A 48 0.36 -7.88 15.81
N ILE A 49 0.03 -8.06 14.53
CA ILE A 49 -1.19 -7.48 13.94
C ILE A 49 -1.98 -8.61 13.24
N TYR A 50 -3.28 -8.66 13.55
CA TYR A 50 -4.22 -9.61 12.95
C TYR A 50 -5.07 -8.88 11.90
N ILE A 51 -4.99 -9.36 10.65
CA ILE A 51 -5.66 -8.74 9.50
C ILE A 51 -6.76 -9.68 9.01
N VAL A 52 -8.00 -9.19 9.04
CA VAL A 52 -9.16 -9.91 8.50
C VAL A 52 -9.28 -9.59 7.00
N ASP A 53 -10.01 -10.45 6.28
CA ASP A 53 -9.94 -10.51 4.81
C ASP A 53 -8.48 -10.71 4.41
N GLY A 54 -7.85 -11.73 5.01
CA GLY A 54 -6.41 -11.95 4.97
C GLY A 54 -5.85 -12.10 3.56
N ASN A 55 -6.61 -12.78 2.69
CA ASN A 55 -6.19 -13.07 1.32
C ASN A 55 -5.90 -11.76 0.56
N ALA A 56 -6.68 -10.72 0.86
CA ALA A 56 -6.69 -9.48 0.09
C ALA A 56 -5.54 -8.54 0.49
N LEU A 57 -4.92 -8.77 1.66
CA LEU A 57 -4.02 -7.76 2.25
C LEU A 57 -2.68 -8.35 2.76
N PHE A 58 -2.53 -9.68 2.77
CA PHE A 58 -1.36 -10.31 3.40
C PHE A 58 -0.06 -9.80 2.78
N LEU A 59 -0.01 -9.78 1.44
CA LEU A 59 1.22 -9.48 0.69
C LEU A 59 1.61 -8.01 0.87
N THR A 60 0.62 -7.11 0.88
CA THR A 60 0.84 -5.67 1.02
C THR A 60 1.39 -5.37 2.43
N ALA A 61 0.73 -5.93 3.45
CA ALA A 61 1.11 -5.74 4.86
C ALA A 61 2.51 -6.32 5.10
N THR A 62 2.80 -7.47 4.49
CA THR A 62 4.07 -8.16 4.62
C THR A 62 5.21 -7.28 4.04
N GLU A 63 5.02 -6.80 2.80
CA GLU A 63 6.04 -6.03 2.10
C GLU A 63 6.21 -4.66 2.75
N ALA A 64 5.09 -4.05 3.18
CA ALA A 64 5.09 -2.77 3.88
C ALA A 64 5.92 -2.87 5.16
N ALA A 65 5.76 -3.99 5.88
CA ALA A 65 6.50 -4.26 7.13
C ALA A 65 7.99 -4.43 6.84
N TRP A 66 8.32 -5.11 5.74
CA TRP A 66 9.71 -5.33 5.32
C TRP A 66 10.37 -4.01 4.92
N ARG A 67 9.61 -3.13 4.26
CA ARG A 67 10.09 -1.83 3.77
C ARG A 67 10.56 -0.95 4.94
N ARG A 68 9.98 -1.17 6.14
CA ARG A 68 10.28 -0.38 7.33
C ARG A 68 11.74 -0.56 7.76
N ALA A 69 12.36 -1.68 7.39
CA ALA A 69 13.76 -1.98 7.70
C ALA A 69 14.69 -0.84 7.22
N ALA A 70 14.32 -0.21 6.10
CA ALA A 70 15.08 0.89 5.50
C ALA A 70 14.83 2.22 6.22
N ALA A 71 13.68 2.33 6.91
CA ALA A 71 13.28 3.56 7.61
C ALA A 71 14.11 3.72 8.90
N SER A 72 14.22 4.97 9.35
CA SER A 72 15.09 5.36 10.47
C SER A 72 14.44 5.04 11.81
N HIS A 73 13.10 4.94 11.83
CA HIS A 73 12.34 4.70 13.05
C HIS A 73 12.02 3.21 13.23
N PHE A 74 12.79 2.34 12.54
CA PHE A 74 12.66 0.90 12.65
C PHE A 74 13.17 0.44 14.02
N ALA A 75 12.37 -0.35 14.73
CA ALA A 75 12.66 -0.77 16.11
C ALA A 75 12.89 -2.30 16.19
N GLY A 76 12.76 -3.00 15.05
CA GLY A 76 12.90 -4.45 15.01
C GLY A 76 11.80 -5.13 14.23
N GLY A 77 10.66 -4.44 14.05
CA GLY A 77 9.53 -4.94 13.29
C GLY A 77 8.56 -5.72 14.16
N GLY A 78 7.75 -6.55 13.51
CA GLY A 78 6.74 -7.37 14.18
C GLY A 78 6.23 -8.49 13.30
N ILE A 79 5.25 -9.24 13.81
CA ILE A 79 4.65 -10.39 13.13
C ILE A 79 3.35 -9.94 12.47
N ILE A 80 3.20 -10.31 11.18
CA ILE A 80 1.96 -10.10 10.43
C ILE A 80 1.19 -11.42 10.39
N VAL A 81 -0.10 -11.37 10.74
CA VAL A 81 -1.00 -12.51 10.67
C VAL A 81 -2.23 -12.10 9.85
N ALA A 82 -2.39 -12.73 8.68
CA ALA A 82 -3.55 -12.55 7.82
C ALA A 82 -4.50 -13.74 7.97
N ILE A 83 -5.73 -13.46 8.39
CA ILE A 83 -6.77 -14.46 8.62
C ILE A 83 -7.75 -14.40 7.44
N GLY A 84 -7.66 -15.41 6.56
CA GLY A 84 -8.43 -15.46 5.32
C GLY A 84 -9.15 -16.79 5.15
N TYR A 85 -9.47 -17.12 3.89
CA TYR A 85 -10.23 -18.31 3.54
C TYR A 85 -9.54 -19.06 2.40
N PRO A 86 -9.86 -20.36 2.17
CA PRO A 86 -9.35 -21.07 1.00
C PRO A 86 -10.02 -20.56 -0.27
N LEU A 87 -9.27 -19.82 -1.09
CA LEU A 87 -9.80 -19.14 -2.28
C LEU A 87 -8.91 -19.47 -3.49
N LYS A 88 -9.50 -19.37 -4.68
CA LYS A 88 -8.85 -19.65 -5.95
C LYS A 88 -9.33 -18.64 -7.00
N GLY A 89 -8.46 -17.69 -7.35
CA GLY A 89 -8.69 -16.72 -8.41
C GLY A 89 -9.42 -15.47 -7.94
N LYS A 90 -9.53 -15.29 -6.62
CA LYS A 90 -10.17 -14.10 -6.03
C LYS A 90 -9.69 -13.93 -4.58
N LEU A 91 -9.95 -12.75 -4.02
CA LEU A 91 -9.37 -12.32 -2.74
C LEU A 91 -10.42 -12.31 -1.62
N TYR A 92 -11.69 -12.55 -1.94
CA TYR A 92 -12.78 -12.40 -0.98
C TYR A 92 -13.76 -13.57 -1.08
N ASP A 93 -14.25 -14.00 0.09
CA ASP A 93 -15.35 -14.94 0.24
C ASP A 93 -16.55 -14.17 0.80
N ALA A 94 -17.44 -13.72 -0.10
CA ALA A 94 -18.55 -12.83 0.23
C ALA A 94 -19.46 -13.45 1.29
N ARG A 95 -19.70 -14.76 1.17
CA ARG A 95 -20.61 -15.49 2.07
C ARG A 95 -19.99 -15.58 3.47
N ARG A 96 -18.74 -16.06 3.54
CA ARG A 96 -18.05 -16.31 4.81
C ARG A 96 -17.86 -15.00 5.58
N ARG A 97 -17.40 -13.96 4.88
CA ARG A 97 -17.03 -12.68 5.49
C ARG A 97 -18.29 -11.94 5.99
N SER A 98 -19.42 -12.12 5.28
CA SER A 98 -20.69 -11.49 5.64
C SER A 98 -21.13 -11.91 7.05
N PHE A 99 -20.86 -13.17 7.41
CA PHE A 99 -21.18 -13.71 8.74
C PHE A 99 -20.11 -13.30 9.75
N ASP A 100 -18.84 -13.53 9.39
CA ASP A 100 -17.69 -13.42 10.30
C ASP A 100 -17.49 -11.97 10.77
N LEU A 101 -17.82 -10.98 9.92
CA LEU A 101 -17.38 -9.60 10.13
C LEU A 101 -18.51 -8.70 10.64
N THR A 102 -19.76 -9.17 10.64
CA THR A 102 -20.91 -8.35 11.02
C THR A 102 -21.40 -8.74 12.41
N PRO A 103 -21.76 -7.76 13.28
CA PRO A 103 -22.26 -8.05 14.62
C PRO A 103 -23.71 -8.54 14.61
N PRO A 104 -24.16 -9.25 15.67
CA PRO A 104 -25.51 -9.80 15.71
C PRO A 104 -26.59 -8.72 15.94
N THR A 105 -27.64 -8.75 15.11
CA THR A 105 -28.81 -7.89 15.27
C THR A 105 -30.08 -8.70 14.94
N ALA A 106 -31.22 -8.24 15.46
CA ALA A 106 -32.49 -8.96 15.37
C ALA A 106 -33.02 -8.95 13.93
N CYS A 107 -32.77 -7.86 13.20
CA CYS A 107 -33.33 -7.64 11.86
C CYS A 107 -32.35 -8.05 10.76
N ALA A 108 -31.16 -8.54 11.14
CA ALA A 108 -30.13 -8.97 10.19
C ALA A 108 -30.63 -10.17 9.39
N PRO A 109 -30.51 -10.17 8.04
CA PRO A 109 -30.83 -11.35 7.24
C PRO A 109 -29.97 -12.58 7.57
N VAL A 110 -30.29 -13.70 6.92
CA VAL A 110 -29.58 -14.97 7.13
C VAL A 110 -28.15 -14.82 6.61
N GLY A 111 -27.20 -15.43 7.33
CA GLY A 111 -25.78 -15.41 6.98
C GLY A 111 -25.06 -14.16 7.46
N TYR A 112 -25.58 -13.56 8.55
CA TYR A 112 -24.99 -12.37 9.18
C TYR A 112 -25.01 -12.55 10.70
N GLY A 113 -24.13 -11.80 11.38
CA GLY A 113 -24.15 -11.68 12.84
C GLY A 113 -23.28 -12.73 13.54
N GLY A 114 -22.11 -13.02 12.95
CA GLY A 114 -21.17 -14.02 13.47
C GLY A 114 -19.85 -13.42 13.91
N ALA A 115 -19.88 -12.14 14.31
CA ALA A 115 -18.66 -11.38 14.66
C ALA A 115 -18.02 -11.95 15.92
N ASP A 116 -18.85 -12.26 16.94
CA ASP A 116 -18.39 -12.72 18.25
C ASP A 116 -17.81 -14.13 18.14
N VAL A 117 -18.40 -14.95 17.24
CA VAL A 117 -17.91 -16.30 16.96
C VAL A 117 -16.50 -16.21 16.35
N PHE A 118 -16.34 -15.27 15.41
CA PHE A 118 -15.09 -15.08 14.68
C PHE A 118 -14.02 -14.48 15.60
N LEU A 119 -14.41 -13.54 16.46
CA LEU A 119 -13.49 -12.91 17.41
C LEU A 119 -13.00 -13.94 18.43
N ASP A 120 -13.91 -14.83 18.86
CA ASP A 120 -13.57 -15.94 19.76
C ASP A 120 -12.53 -16.85 19.09
N PHE A 121 -12.72 -17.13 17.80
CA PHE A 121 -11.80 -17.96 17.01
C PHE A 121 -10.41 -17.33 16.98
N ILE A 122 -10.35 -16.01 16.76
CA ILE A 122 -9.08 -15.27 16.69
C ILE A 122 -8.35 -15.40 18.03
N GLU A 123 -9.07 -15.20 19.13
CA GLU A 123 -8.47 -15.14 20.47
C GLU A 123 -8.09 -16.54 20.96
N ASN A 124 -8.92 -17.54 20.66
CA ASN A 124 -8.83 -18.87 21.28
C ASN A 124 -8.11 -19.88 20.38
N SER A 125 -7.99 -19.59 19.07
CA SER A 125 -7.40 -20.52 18.11
C SER A 125 -6.19 -19.90 17.40
N VAL A 126 -6.40 -18.75 16.74
CA VAL A 126 -5.37 -18.13 15.89
C VAL A 126 -4.19 -17.66 16.75
N ARG A 127 -4.49 -16.93 17.83
CA ARG A 127 -3.47 -16.32 18.69
C ARG A 127 -2.56 -17.41 19.28
N PRO A 128 -3.10 -18.44 19.97
CA PRO A 128 -2.28 -19.55 20.47
C PRO A 128 -1.47 -20.28 19.38
N ALA A 129 -2.09 -20.50 18.21
CA ALA A 129 -1.47 -21.21 17.09
C ALA A 129 -0.22 -20.45 16.62
N VAL A 130 -0.34 -19.13 16.46
CA VAL A 130 0.76 -18.28 16.02
C VAL A 130 1.83 -18.21 17.12
N GLN A 131 1.40 -18.15 18.38
CA GLN A 131 2.31 -18.08 19.53
C GLN A 131 3.18 -19.35 19.60
N ALA A 132 2.60 -20.49 19.19
CA ALA A 132 3.30 -21.78 19.19
C ALA A 132 4.39 -21.81 18.10
N ARG A 133 4.18 -21.05 17.01
CA ARG A 133 5.13 -20.97 15.89
C ARG A 133 6.34 -20.12 16.29
N PHE A 134 6.17 -19.23 17.28
CA PHE A 134 7.26 -18.43 17.83
C PHE A 134 7.33 -18.64 19.35
N PRO A 135 7.87 -19.79 19.82
CA PRO A 135 7.95 -20.07 21.26
C PRO A 135 8.89 -19.15 22.04
N GLN A 136 9.88 -18.58 21.33
CA GLN A 136 10.97 -17.80 21.94
C GLN A 136 10.52 -16.36 22.19
N VAL A 137 9.49 -15.89 21.47
CA VAL A 137 9.02 -14.51 21.56
C VAL A 137 7.76 -14.45 22.43
N SER A 138 7.49 -13.26 22.98
CA SER A 138 6.23 -12.92 23.64
C SER A 138 5.53 -11.83 22.85
N LEU A 139 4.20 -11.77 22.96
CA LEU A 139 3.38 -10.77 22.28
C LEU A 139 3.35 -9.49 23.11
N ALA A 140 4.17 -8.51 22.70
CA ALA A 140 4.29 -7.21 23.36
C ALA A 140 2.94 -6.51 23.38
N ARG A 141 2.27 -6.51 22.23
CA ARG A 141 0.94 -5.90 22.07
C ARG A 141 0.31 -6.46 20.79
N GLU A 142 -1.04 -6.40 20.73
CA GLU A 142 -1.82 -6.99 19.65
C GLU A 142 -2.70 -5.92 19.00
N ALA A 143 -2.72 -5.91 17.66
CA ALA A 143 -3.57 -5.01 16.87
C ALA A 143 -4.53 -5.85 16.02
N LEU A 144 -5.77 -5.36 15.88
CA LEU A 144 -6.78 -5.94 15.00
C LEU A 144 -7.08 -4.94 13.88
N TYR A 145 -6.75 -5.32 12.64
CA TYR A 145 -7.02 -4.52 11.45
C TYR A 145 -8.17 -5.16 10.65
N GLY A 146 -9.00 -4.29 10.06
CA GLY A 146 -10.03 -4.71 9.12
C GLY A 146 -10.47 -3.56 8.22
N HIS A 147 -10.92 -3.92 7.01
CA HIS A 147 -11.41 -2.97 6.00
C HIS A 147 -12.79 -3.39 5.51
N SER A 148 -13.76 -2.46 5.68
CA SER A 148 -15.12 -2.40 5.15
C SER A 148 -16.01 -2.98 6.27
N TYR A 149 -16.46 -4.23 6.08
CA TYR A 149 -17.06 -5.02 7.14
C TYR A 149 -15.99 -5.36 8.19
N GLY A 150 -14.73 -5.51 7.74
CA GLY A 150 -13.59 -5.72 8.62
C GLY A 150 -13.41 -4.58 9.62
N GLY A 151 -13.64 -3.35 9.15
CA GLY A 151 -13.57 -2.14 9.97
C GLY A 151 -14.72 -2.07 10.95
N LEU A 152 -15.89 -2.54 10.52
CA LEU A 152 -17.07 -2.68 11.38
C LEU A 152 -16.77 -3.67 12.50
N LEU A 153 -16.07 -4.77 12.17
CA LEU A 153 -15.66 -5.78 13.14
C LEU A 153 -14.68 -5.17 14.15
N ALA A 154 -13.73 -4.39 13.66
CA ALA A 154 -12.71 -3.72 14.49
C ALA A 154 -13.38 -2.83 15.53
N LEU A 155 -14.34 -2.01 15.08
CA LEU A 155 -15.10 -1.09 15.94
C LEU A 155 -15.95 -1.91 16.94
N HIS A 156 -16.57 -2.99 16.44
CA HIS A 156 -17.41 -3.87 17.26
C HIS A 156 -16.56 -4.50 18.37
N ALA A 157 -15.36 -4.96 18.02
CA ALA A 157 -14.43 -5.57 18.97
C ALA A 157 -14.03 -4.57 20.07
N LEU A 158 -13.78 -3.33 19.68
CA LEU A 158 -13.39 -2.26 20.60
C LEU A 158 -14.52 -2.00 21.62
N PHE A 159 -15.76 -1.89 21.13
CA PHE A 159 -16.89 -1.45 21.94
C PHE A 159 -17.42 -2.57 22.85
N THR A 160 -17.18 -3.83 22.47
CA THR A 160 -17.76 -4.99 23.19
C THR A 160 -16.71 -5.77 23.97
N ARG A 161 -15.46 -5.81 23.48
CA ARG A 161 -14.36 -6.51 24.16
C ARG A 161 -13.07 -5.69 24.03
N PRO A 162 -13.01 -4.48 24.65
CA PRO A 162 -11.86 -3.59 24.49
C PRO A 162 -10.51 -4.12 25.00
N GLN A 163 -10.54 -5.06 25.95
CA GLN A 163 -9.32 -5.59 26.59
C GLN A 163 -8.68 -6.68 25.72
N SER A 164 -9.41 -7.18 24.71
CA SER A 164 -8.95 -8.29 23.86
C SER A 164 -7.72 -7.89 23.03
N PHE A 165 -7.72 -6.65 22.52
CA PHE A 165 -6.62 -6.11 21.72
C PHE A 165 -6.20 -4.74 22.25
N ASP A 166 -4.95 -4.36 21.98
CA ASP A 166 -4.36 -3.11 22.43
C ASP A 166 -4.72 -1.98 21.46
N CYS A 167 -4.75 -2.30 20.16
CA CYS A 167 -5.01 -1.33 19.10
C CYS A 167 -6.03 -1.91 18.10
N TYR A 168 -6.98 -1.06 17.68
CA TYR A 168 -8.00 -1.39 16.71
C TYR A 168 -7.86 -0.44 15.51
N ILE A 169 -7.78 -1.01 14.31
CA ILE A 169 -7.59 -0.23 13.08
C ILE A 169 -8.78 -0.48 12.15
N ALA A 170 -9.67 0.52 12.08
CA ALA A 170 -10.88 0.47 11.25
C ALA A 170 -10.67 1.25 9.96
N SER A 171 -10.35 0.54 8.88
CA SER A 171 -10.16 1.11 7.55
C SER A 171 -11.52 1.18 6.83
N SER A 172 -11.96 2.40 6.52
CA SER A 172 -13.22 2.65 5.82
C SER A 172 -14.33 1.78 6.40
N PRO A 173 -14.65 1.91 7.71
CA PRO A 173 -15.62 1.03 8.36
C PRO A 173 -17.04 1.21 7.80
N SER A 174 -17.74 0.08 7.60
CA SER A 174 -19.10 0.07 7.06
C SER A 174 -20.11 0.41 8.16
N ILE A 175 -20.07 1.67 8.62
CA ILE A 175 -20.91 2.15 9.71
C ILE A 175 -22.38 2.17 9.25
N TRP A 176 -22.59 2.42 7.96
CA TRP A 176 -23.92 2.46 7.32
C TRP A 176 -24.70 1.17 7.57
N TRP A 177 -24.00 0.03 7.69
CA TRP A 177 -24.61 -1.31 7.73
C TRP A 177 -25.68 -1.38 8.83
N ASN A 178 -26.88 -1.82 8.43
CA ASN A 178 -27.99 -2.18 9.32
C ASN A 178 -28.39 -0.94 10.15
N SER A 179 -28.74 0.14 9.45
CA SER A 179 -29.28 1.36 10.05
C SER A 179 -28.39 1.88 11.18
N LEU A 180 -27.07 1.88 10.93
CA LEU A 180 -26.06 2.36 11.88
C LEU A 180 -26.24 1.69 13.24
N CYS A 181 -26.08 0.36 13.26
CA CYS A 181 -26.22 -0.45 14.48
C CYS A 181 -25.03 -0.23 15.41
N ILE A 182 -23.86 0.09 14.83
CA ILE A 182 -22.60 0.20 15.57
C ILE A 182 -22.63 1.42 16.51
N LEU A 183 -23.45 2.42 16.18
CA LEU A 183 -23.56 3.66 16.97
C LEU A 183 -24.18 3.39 18.34
N HIS A 184 -25.04 2.37 18.42
CA HIS A 184 -25.63 1.93 19.69
C HIS A 184 -24.51 1.47 20.64
N GLU A 185 -23.63 0.60 20.14
CA GLU A 185 -22.52 0.02 20.90
C GLU A 185 -21.52 1.12 21.27
N ALA A 186 -21.31 2.06 20.34
CA ALA A 186 -20.43 3.21 20.56
C ALA A 186 -20.94 4.05 21.73
N LYS A 187 -22.27 4.24 21.82
CA LYS A 187 -22.92 5.01 22.88
C LYS A 187 -22.73 4.30 24.23
N ALA A 188 -22.98 2.99 24.24
CA ALA A 188 -22.84 2.17 25.44
C ALA A 188 -21.40 2.19 25.95
N PHE A 189 -20.44 2.22 25.00
CA PHE A 189 -19.01 2.23 25.31
C PHE A 189 -18.63 3.52 26.05
N VAL A 190 -19.02 4.67 25.50
CA VAL A 190 -18.65 5.99 26.05
C VAL A 190 -19.40 6.24 27.36
N GLU A 191 -20.65 5.78 27.44
CA GLU A 191 -21.51 6.02 28.62
C GLU A 191 -21.05 5.15 29.80
N THR A 192 -20.49 3.98 29.51
CA THR A 192 -19.87 3.13 30.52
C THR A 192 -18.63 3.86 31.08
N LYS A 193 -18.44 3.78 32.39
CA LYS A 193 -17.44 4.58 33.11
C LYS A 193 -16.43 3.67 33.81
N LYS A 194 -15.25 3.51 33.19
CA LYS A 194 -14.09 2.88 33.81
C LYS A 194 -12.81 3.39 33.11
N GLN A 199 -5.53 -0.19 31.60
CA GLN A 199 -5.06 0.66 30.52
C GLN A 199 -6.04 0.57 29.33
N SER A 200 -6.36 1.73 28.75
CA SER A 200 -7.32 1.85 27.65
C SER A 200 -6.65 1.54 26.33
N PRO A 201 -7.36 0.89 25.37
CA PRO A 201 -6.83 0.66 24.02
C PRO A 201 -6.85 1.93 23.16
N SER A 202 -6.29 1.82 21.95
CA SER A 202 -6.27 2.90 20.97
C SER A 202 -7.09 2.51 19.74
N LEU A 203 -7.56 3.52 19.00
CA LEU A 203 -8.36 3.34 17.78
C LEU A 203 -7.75 4.16 16.65
N MET A 204 -7.60 3.55 15.47
CA MET A 204 -7.20 4.21 14.25
C MET A 204 -8.32 4.06 13.20
N VAL A 205 -8.86 5.20 12.74
CA VAL A 205 -9.91 5.25 11.73
C VAL A 205 -9.34 5.93 10.47
N SER A 206 -9.79 5.50 9.30
CA SER A 206 -9.35 6.08 8.03
C SER A 206 -10.40 5.85 6.94
N TRP A 207 -10.28 6.62 5.86
CA TRP A 207 -11.15 6.55 4.70
C TRP A 207 -10.52 7.33 3.54
N GLY A 208 -10.91 6.97 2.31
CA GLY A 208 -10.50 7.68 1.10
C GLY A 208 -11.41 8.86 0.82
N SER A 209 -10.85 9.90 0.20
CA SER A 209 -11.57 11.16 -0.07
C SER A 209 -12.60 10.96 -1.19
N TRP A 210 -12.37 9.99 -2.07
CA TRP A 210 -13.23 9.74 -3.24
C TRP A 210 -14.31 8.69 -2.92
N GLU A 211 -14.46 8.32 -1.64
CA GLU A 211 -15.46 7.33 -1.23
C GLU A 211 -16.85 7.98 -1.19
N GLN A 212 -16.99 9.07 -0.41
CA GLN A 212 -18.27 9.76 -0.25
C GLN A 212 -18.46 10.79 -1.38
N HIS A 213 -17.35 11.34 -1.90
CA HIS A 213 -17.38 12.36 -2.95
C HIS A 213 -16.52 11.90 -4.13
N PRO A 214 -17.00 10.94 -4.95
CA PRO A 214 -16.22 10.44 -6.09
C PRO A 214 -16.25 11.39 -7.29
N PRO A 215 -15.12 11.58 -8.00
CA PRO A 215 -15.10 12.31 -9.27
C PRO A 215 -15.54 11.43 -10.45
N ARG A 216 -15.81 12.07 -11.59
CA ARG A 216 -16.29 11.41 -12.80
C ARG A 216 -15.11 10.74 -13.51
N TRP A 217 -15.33 9.51 -13.99
CA TRP A 217 -14.34 8.77 -14.77
C TRP A 217 -14.25 9.37 -16.18
N ALA A 218 -13.23 8.94 -16.92
CA ALA A 218 -12.96 9.44 -18.28
C ALA A 218 -14.05 8.96 -19.26
N ASP A 219 -14.50 7.71 -19.08
CA ASP A 219 -15.44 7.05 -19.99
C ASP A 219 -16.89 7.26 -19.54
N GLU A 220 -17.08 7.81 -18.34
CA GLU A 220 -18.38 7.80 -17.65
C GLU A 220 -19.29 8.90 -18.21
N LEU A 221 -20.60 8.58 -18.25
CA LEU A 221 -21.67 9.51 -18.64
C LEU A 221 -22.46 9.90 -17.38
N LEU A 222 -23.36 10.88 -17.52
CA LEU A 222 -23.95 11.60 -16.38
C LEU A 222 -24.79 10.67 -15.50
N ASP A 223 -25.70 9.90 -16.11
CA ASP A 223 -26.64 9.06 -15.36
C ASP A 223 -25.89 8.09 -14.44
N HIS A 224 -24.87 7.42 -15.00
CA HIS A 224 -24.07 6.44 -14.25
C HIS A 224 -23.32 7.14 -13.10
N TYR A 225 -22.83 8.35 -13.36
CA TYR A 225 -22.07 9.13 -12.38
C TYR A 225 -22.99 9.56 -11.23
N GLU A 226 -24.21 10.01 -11.57
CA GLU A 226 -25.20 10.47 -10.60
C GLU A 226 -25.62 9.30 -9.68
N ALA A 227 -25.69 8.10 -10.25
CA ALA A 227 -26.03 6.88 -9.51
C ALA A 227 -24.94 6.56 -8.48
N ARG A 228 -23.67 6.71 -8.88
CA ARG A 228 -22.52 6.47 -8.00
C ARG A 228 -22.52 7.48 -6.85
N LYS A 229 -22.87 8.74 -7.15
CA LYS A 229 -22.92 9.81 -6.16
C LYS A 229 -24.02 9.53 -5.13
N ARG A 230 -25.20 9.10 -5.61
CA ARG A 230 -26.34 8.78 -4.76
C ARG A 230 -25.99 7.61 -3.82
N THR A 231 -25.31 6.59 -4.36
CA THR A 231 -24.83 5.45 -3.58
C THR A 231 -23.83 5.94 -2.52
N ALA A 232 -22.85 6.74 -2.95
CA ALA A 232 -21.81 7.30 -2.09
C ALA A 232 -22.44 8.11 -0.94
N ALA A 233 -23.51 8.87 -1.26
CA ALA A 233 -24.22 9.71 -0.29
C ALA A 233 -24.93 8.85 0.75
N GLU A 234 -25.53 7.73 0.30
CA GLU A 234 -26.27 6.81 1.17
C GLU A 234 -25.31 6.14 2.17
N LEU A 235 -24.15 5.69 1.68
CA LEU A 235 -23.16 4.97 2.48
C LEU A 235 -22.50 5.93 3.48
N ARG A 236 -22.20 7.16 3.01
CA ARG A 236 -21.83 8.28 3.89
C ARG A 236 -20.58 7.90 4.71
N MET A 237 -19.53 7.49 4.00
CA MET A 237 -18.33 6.89 4.61
C MET A 237 -17.63 7.90 5.52
N ALA A 238 -17.32 9.08 4.98
CA ALA A 238 -16.51 10.09 5.66
C ALA A 238 -17.26 10.66 6.87
N ASP A 239 -18.51 11.09 6.65
CA ASP A 239 -19.29 11.80 7.67
C ASP A 239 -19.66 10.86 8.83
N ASN A 240 -20.02 9.61 8.52
CA ASN A 240 -20.33 8.60 9.54
C ASN A 240 -19.10 8.39 10.44
N ALA A 241 -17.91 8.30 9.82
CA ALA A 241 -16.65 8.08 10.52
C ALA A 241 -16.33 9.27 11.42
N LEU A 242 -16.54 10.49 10.91
CA LEU A 242 -16.30 11.73 11.65
C LEU A 242 -17.28 11.85 12.82
N ASP A 243 -18.56 11.51 12.56
CA ASP A 243 -19.61 11.50 13.58
C ASP A 243 -19.21 10.58 14.74
N LEU A 244 -18.70 9.39 14.40
CA LEU A 244 -18.27 8.40 15.39
C LEU A 244 -17.04 8.91 16.14
N CYS A 245 -16.09 9.51 15.40
CA CYS A 245 -14.84 10.01 15.98
C CYS A 245 -15.12 11.17 16.96
N ALA A 246 -16.06 12.04 16.58
CA ALA A 246 -16.49 13.16 17.42
C ALA A 246 -17.21 12.65 18.67
N MET A 247 -17.92 11.52 18.51
CA MET A 247 -18.68 10.86 19.57
C MET A 247 -17.72 10.23 20.60
N LEU A 248 -16.56 9.75 20.15
CA LEU A 248 -15.57 9.08 20.99
C LEU A 248 -14.56 10.08 21.57
N HIS A 249 -14.65 11.36 21.16
CA HIS A 249 -13.75 12.41 21.62
C HIS A 249 -13.92 12.59 23.14
N GLY A 250 -12.78 12.53 23.86
CA GLY A 250 -12.74 12.72 25.31
C GLY A 250 -13.39 11.57 26.07
N CYS A 251 -13.24 10.35 25.53
CA CYS A 251 -13.77 9.13 26.15
C CYS A 251 -12.80 8.64 27.23
N SER A 252 -13.36 8.08 28.30
CA SER A 252 -12.60 7.60 29.46
C SER A 252 -11.94 6.25 29.17
N ARG A 253 -12.55 5.48 28.26
CA ARG A 253 -12.14 4.09 27.99
C ARG A 253 -11.31 4.00 26.71
N LEU A 254 -10.86 5.14 26.18
CA LEU A 254 -10.03 5.18 24.97
C LEU A 254 -8.81 6.09 25.21
N HIS A 255 -7.62 5.53 24.98
CA HIS A 255 -6.35 6.20 25.21
C HIS A 255 -6.11 7.28 24.15
N ALA A 256 -6.14 6.85 22.88
CA ALA A 256 -5.88 7.74 21.73
C ALA A 256 -6.80 7.36 20.57
N LEU A 257 -7.13 8.38 19.75
CA LEU A 257 -7.96 8.23 18.56
C LEU A 257 -7.30 9.00 17.40
N ILE A 258 -6.84 8.26 16.39
CA ILE A 258 -6.21 8.81 15.19
C ILE A 258 -7.18 8.63 14.02
N LYS A 259 -7.40 9.72 13.26
CA LYS A 259 -8.25 9.69 12.06
C LYS A 259 -7.49 10.34 10.90
N THR A 260 -7.60 9.73 9.71
CA THR A 260 -6.87 10.14 8.51
C THR A 260 -7.79 10.04 7.29
N GLU A 261 -7.77 11.07 6.45
CA GLU A 261 -8.41 11.04 5.13
C GLU A 261 -7.31 10.97 4.06
N TYR A 262 -7.33 9.90 3.26
CA TYR A 262 -6.37 9.68 2.19
C TYR A 262 -6.87 10.34 0.90
N GLU A 263 -6.09 11.31 0.40
CA GLU A 263 -6.46 12.14 -0.76
C GLU A 263 -6.42 11.30 -2.04
N GLY A 264 -7.51 11.37 -2.80
CA GLY A 264 -7.62 10.78 -4.13
C GLY A 264 -7.62 9.25 -4.11
N GLU A 265 -8.18 8.67 -3.05
CA GLU A 265 -8.24 7.22 -2.88
C GLU A 265 -9.72 6.78 -2.80
N ASP A 266 -10.03 5.67 -3.49
CA ASP A 266 -11.37 5.08 -3.48
C ASP A 266 -11.39 3.98 -2.42
N HIS A 267 -12.53 3.29 -2.29
CA HIS A 267 -12.77 2.27 -1.27
C HIS A 267 -11.74 1.14 -1.37
N THR A 268 -11.37 0.77 -2.60
CA THR A 268 -10.46 -0.34 -2.87
C THR A 268 -9.00 0.11 -2.69
N SER A 269 -8.66 1.27 -3.28
CA SER A 269 -7.28 1.75 -3.37
C SER A 269 -6.72 2.12 -2.00
N VAL A 270 -7.57 2.71 -1.13
CA VAL A 270 -7.17 3.22 0.18
C VAL A 270 -6.64 2.09 1.06
N MET A 271 -7.09 0.85 0.80
CA MET A 271 -6.70 -0.35 1.54
C MET A 271 -5.17 -0.44 1.62
N SER A 272 -4.49 -0.14 0.50
CA SER A 272 -3.03 -0.16 0.41
C SER A 272 -2.41 0.83 1.42
N CYS A 273 -3.00 2.03 1.50
CA CYS A 273 -2.52 3.11 2.35
C CYS A 273 -2.76 2.80 3.83
N SER A 274 -3.99 2.38 4.17
CA SER A 274 -4.45 2.25 5.55
C SER A 274 -3.72 1.09 6.26
N VAL A 275 -3.54 -0.04 5.55
CA VAL A 275 -2.90 -1.22 6.13
C VAL A 275 -1.39 -0.94 6.33
N SER A 276 -0.80 -0.20 5.39
CA SER A 276 0.62 0.15 5.42
C SER A 276 0.92 1.06 6.60
N ARG A 277 0.11 2.12 6.76
CA ARG A 277 0.30 3.08 7.85
C ARG A 277 -0.11 2.46 9.19
N GLY A 278 -1.17 1.64 9.16
CA GLY A 278 -1.71 0.97 10.34
C GLY A 278 -0.63 0.25 11.13
N LEU A 279 0.09 -0.65 10.45
CA LEU A 279 1.13 -1.48 11.08
C LEU A 279 2.38 -0.62 11.38
N THR A 280 2.64 0.39 10.55
CA THR A 280 3.78 1.30 10.71
C THR A 280 3.65 2.03 12.06
N MET A 281 2.49 2.66 12.27
CA MET A 281 2.18 3.40 13.49
C MET A 281 2.23 2.47 14.71
N PHE A 282 1.63 1.29 14.57
CA PHE A 282 1.46 0.35 15.67
C PHE A 282 2.82 -0.22 16.10
N PHE A 283 3.70 -0.49 15.13
CA PHE A 283 5.01 -1.09 15.40
C PHE A 283 5.98 -0.04 15.97
N GLU A 284 6.01 1.15 15.36
CA GLU A 284 7.10 2.11 15.55
C GLU A 284 6.71 3.26 16.50
N ASP A 285 5.43 3.66 16.51
CA ASP A 285 5.00 4.87 17.20
C ASP A 285 4.10 4.54 18.40
N TRP A 286 4.38 3.42 19.07
CA TRP A 286 3.65 3.01 20.27
C TRP A 286 4.42 3.46 21.51
N PRO A 287 3.73 4.04 22.51
CA PRO A 287 2.31 4.31 22.51
C PRO A 287 1.96 5.67 21.87
N PHE A 288 0.70 5.81 21.44
CA PHE A 288 0.21 7.06 20.84
C PHE A 288 -0.04 8.08 21.95
N HIS A 289 0.11 9.36 21.60
CA HIS A 289 -0.22 10.47 22.51
C HIS A 289 -1.74 10.67 22.52
N GLN A 290 -2.26 11.20 23.62
CA GLN A 290 -3.70 11.38 23.83
C GLN A 290 -4.21 12.48 22.90
N ARG B 4 0.72 -28.73 9.83
CA ARG B 4 2.02 -28.74 9.07
C ARG B 4 2.05 -27.54 8.12
N PRO B 5 2.47 -26.34 8.59
CA PRO B 5 2.55 -25.15 7.74
C PRO B 5 3.51 -25.32 6.54
N THR B 6 3.18 -24.63 5.44
CA THR B 6 3.93 -24.69 4.19
C THR B 6 4.40 -23.28 3.82
N PRO B 7 5.39 -23.14 2.91
CA PRO B 7 5.71 -21.84 2.32
C PRO B 7 4.50 -21.22 1.58
N VAL B 8 4.46 -19.89 1.52
CA VAL B 8 3.38 -19.15 0.88
C VAL B 8 3.69 -19.00 -0.60
N PRO B 9 2.90 -19.61 -1.52
CA PRO B 9 3.09 -19.43 -2.95
C PRO B 9 2.44 -18.14 -3.44
N LEU B 10 3.06 -17.48 -4.42
CA LEU B 10 2.51 -16.30 -5.07
C LEU B 10 1.90 -16.71 -6.40
N PRO B 11 0.54 -16.79 -6.51
CA PRO B 11 -0.11 -17.23 -7.74
C PRO B 11 -0.07 -16.16 -8.84
N ASN B 12 -0.29 -16.59 -10.09
CA ASN B 12 -0.37 -15.71 -11.26
C ASN B 12 0.82 -14.76 -11.29
N SER B 13 2.03 -15.33 -11.18
CA SER B 13 3.27 -14.57 -11.21
C SER B 13 4.44 -15.50 -11.56
N GLU B 14 5.53 -14.88 -12.03
CA GLU B 14 6.80 -15.57 -12.27
C GLU B 14 7.92 -14.55 -12.23
N GLN B 15 9.16 -15.05 -12.04
CA GLN B 15 10.35 -14.20 -12.05
C GLN B 15 11.41 -14.85 -12.93
N PHE B 16 12.27 -13.99 -13.52
CA PHE B 16 13.38 -14.42 -14.35
C PHE B 16 14.48 -13.36 -14.28
N TYR B 17 15.73 -13.78 -14.49
CA TYR B 17 16.88 -12.90 -14.42
C TYR B 17 17.27 -12.44 -15.84
N LEU B 18 17.65 -11.17 -15.95
CA LEU B 18 18.15 -10.57 -17.19
C LEU B 18 19.48 -9.86 -16.91
N GLU B 19 20.34 -9.81 -17.94
CA GLU B 19 21.56 -9.03 -17.94
C GLU B 19 21.37 -7.78 -18.80
N ASN B 20 21.98 -6.67 -18.38
CA ASN B 20 22.13 -5.49 -19.21
C ASN B 20 23.33 -5.72 -20.14
N ASP B 21 23.63 -4.73 -20.98
CA ASP B 21 24.73 -4.82 -21.96
C ASP B 21 26.07 -4.95 -21.23
N ARG B 22 26.17 -4.39 -20.02
CA ARG B 22 27.41 -4.34 -19.25
C ARG B 22 27.61 -5.64 -18.47
N GLY B 23 26.60 -6.52 -18.46
CA GLY B 23 26.69 -7.85 -17.85
C GLY B 23 26.34 -7.84 -16.37
N GLU B 24 25.56 -6.83 -15.94
CA GLU B 24 25.12 -6.68 -14.56
C GLU B 24 23.75 -7.35 -14.40
N PRO B 25 23.53 -8.19 -13.36
CA PRO B 25 22.30 -8.96 -13.23
C PRO B 25 21.09 -8.16 -12.70
N TYR B 26 19.90 -8.56 -13.14
CA TYR B 26 18.63 -7.98 -12.69
C TYR B 26 17.61 -9.10 -12.46
N LEU B 27 16.77 -8.93 -11.43
CA LEU B 27 15.63 -9.80 -11.17
C LEU B 27 14.36 -9.11 -11.68
N ILE B 28 13.75 -9.70 -12.71
CA ILE B 28 12.49 -9.22 -13.27
C ILE B 28 11.36 -10.06 -12.67
N GLN B 29 10.42 -9.40 -11.99
CA GLN B 29 9.26 -10.04 -11.37
C GLN B 29 8.00 -9.54 -12.08
N VAL B 30 7.21 -10.50 -12.60
CA VAL B 30 6.03 -10.22 -13.40
C VAL B 30 4.82 -10.87 -12.73
N SER B 31 3.66 -10.17 -12.78
CA SER B 31 2.38 -10.70 -12.33
C SER B 31 1.28 -10.23 -13.29
N TRP B 32 0.18 -11.01 -13.33
CA TRP B 32 -0.95 -10.79 -14.22
C TRP B 32 -2.25 -11.03 -13.46
N PRO B 33 -3.42 -10.57 -13.95
CA PRO B 33 -4.68 -10.66 -13.20
C PRO B 33 -4.94 -12.04 -12.58
N LEU B 34 -5.48 -12.04 -11.36
CA LEU B 34 -5.59 -13.23 -10.51
C LEU B 34 -6.63 -14.21 -11.07
N HIS B 35 -7.64 -13.69 -11.78
CA HIS B 35 -8.77 -14.49 -12.28
C HIS B 35 -8.36 -15.31 -13.52
N TRP B 36 -7.18 -15.04 -14.09
CA TRP B 36 -6.62 -15.83 -15.19
C TRP B 36 -6.27 -17.23 -14.68
N GLU B 37 -6.64 -18.24 -15.47
CA GLU B 37 -6.33 -19.65 -15.19
C GLU B 37 -4.84 -19.89 -15.43
N ASP B 38 -4.31 -19.27 -16.50
CA ASP B 38 -2.91 -19.42 -16.92
C ASP B 38 -2.38 -18.05 -17.38
N LYS B 39 -1.06 -17.96 -17.54
CA LYS B 39 -0.38 -16.79 -18.08
C LYS B 39 -0.88 -16.48 -19.50
N GLN B 40 -1.23 -17.53 -20.25
CA GLN B 40 -1.65 -17.43 -21.66
C GLN B 40 -3.18 -17.29 -21.78
N THR B 41 -3.86 -16.96 -20.67
CA THR B 41 -5.32 -16.81 -20.65
C THR B 41 -5.74 -15.51 -21.35
N GLY B 42 -5.05 -14.41 -21.02
CA GLY B 42 -5.39 -13.09 -21.53
C GLY B 42 -4.94 -12.89 -22.97
N ARG B 43 -5.73 -12.12 -23.72
CA ARG B 43 -5.42 -11.73 -25.10
C ARG B 43 -5.79 -10.26 -25.30
N GLY B 44 -5.29 -9.67 -26.39
CA GLY B 44 -5.66 -8.32 -26.81
C GLY B 44 -4.86 -7.25 -26.07
N PRO B 45 -5.22 -5.95 -26.23
CA PRO B 45 -4.48 -4.86 -25.62
C PRO B 45 -4.63 -4.80 -24.09
N LEU B 46 -3.50 -4.66 -23.39
CA LEU B 46 -3.45 -4.51 -21.93
C LEU B 46 -2.42 -3.44 -21.56
N PRO B 47 -2.66 -2.66 -20.49
CA PRO B 47 -1.66 -1.71 -19.99
C PRO B 47 -0.58 -2.42 -19.17
N ILE B 48 0.62 -1.84 -19.14
CA ILE B 48 1.76 -2.40 -18.42
C ILE B 48 2.47 -1.28 -17.66
N ILE B 49 2.98 -1.60 -16.47
CA ILE B 49 3.69 -0.65 -15.61
C ILE B 49 5.03 -1.27 -15.20
N TYR B 50 6.11 -0.53 -15.46
CA TYR B 50 7.48 -0.90 -15.08
C TYR B 50 7.83 -0.18 -13.77
N ILE B 51 8.22 -0.97 -12.76
CA ILE B 51 8.48 -0.48 -11.40
C ILE B 51 9.96 -0.74 -11.07
N VAL B 52 10.73 0.35 -10.91
CA VAL B 52 12.13 0.26 -10.50
C VAL B 52 12.19 0.15 -8.96
N ASP B 53 13.33 -0.30 -8.45
CA ASP B 53 13.47 -0.80 -7.07
C ASP B 53 12.42 -1.91 -6.87
N GLY B 54 12.41 -2.86 -7.80
CA GLY B 54 11.35 -3.85 -7.96
C GLY B 54 11.13 -4.69 -6.71
N ASN B 55 12.22 -5.05 -6.01
CA ASN B 55 12.18 -5.94 -4.85
C ASN B 55 11.27 -5.37 -3.76
N ALA B 56 11.25 -4.04 -3.64
CA ALA B 56 10.58 -3.34 -2.53
C ALA B 56 9.09 -3.12 -2.81
N LEU B 57 8.65 -3.25 -4.07
CA LEU B 57 7.33 -2.77 -4.49
C LEU B 57 6.51 -3.84 -5.23
N PHE B 58 7.09 -4.99 -5.57
CA PHE B 58 6.44 -5.97 -6.45
C PHE B 58 5.13 -6.48 -5.83
N LEU B 59 5.22 -6.97 -4.58
CA LEU B 59 4.10 -7.65 -3.91
C LEU B 59 2.94 -6.66 -3.68
N THR B 60 3.27 -5.42 -3.33
CA THR B 60 2.29 -4.37 -3.08
C THR B 60 1.54 -4.04 -4.37
N ALA B 61 2.30 -3.84 -5.46
CA ALA B 61 1.74 -3.52 -6.78
C ALA B 61 0.90 -4.70 -7.30
N THR B 62 1.40 -5.93 -7.07
CA THR B 62 0.75 -7.16 -7.51
C THR B 62 -0.63 -7.30 -6.83
N GLU B 63 -0.65 -7.21 -5.50
CA GLU B 63 -1.85 -7.46 -4.70
C GLU B 63 -2.85 -6.30 -4.89
N ALA B 64 -2.33 -5.07 -5.03
CA ALA B 64 -3.16 -3.89 -5.25
C ALA B 64 -3.89 -4.01 -6.59
N ALA B 65 -3.20 -4.53 -7.61
CA ALA B 65 -3.77 -4.77 -8.94
C ALA B 65 -4.86 -5.85 -8.85
N TRP B 66 -4.63 -6.87 -8.02
CA TRP B 66 -5.59 -7.96 -7.81
C TRP B 66 -6.85 -7.44 -7.08
N ARG B 67 -6.65 -6.49 -6.15
CA ARG B 67 -7.74 -5.90 -5.37
C ARG B 67 -8.71 -5.13 -6.28
N ARG B 68 -8.19 -4.61 -7.41
CA ARG B 68 -8.99 -3.82 -8.37
C ARG B 68 -10.11 -4.67 -8.98
N ALA B 69 -9.93 -6.00 -9.01
CA ALA B 69 -10.93 -6.94 -9.55
C ALA B 69 -12.28 -6.77 -8.83
N ALA B 70 -12.24 -6.44 -7.53
CA ALA B 70 -13.44 -6.29 -6.71
C ALA B 70 -14.11 -4.92 -6.94
N ALA B 71 -13.34 -3.96 -7.46
CA ALA B 71 -13.82 -2.59 -7.70
C ALA B 71 -14.73 -2.55 -8.94
N SER B 72 -15.48 -1.45 -9.07
CA SER B 72 -16.50 -1.28 -10.11
C SER B 72 -15.85 -0.90 -11.45
N HIS B 73 -14.69 -0.24 -11.41
CA HIS B 73 -14.06 0.35 -12.59
C HIS B 73 -12.97 -0.57 -13.15
N PHE B 74 -13.08 -1.89 -12.89
CA PHE B 74 -12.15 -2.89 -13.40
C PHE B 74 -12.43 -3.11 -14.89
N ALA B 75 -11.37 -3.08 -15.70
CA ALA B 75 -11.46 -3.23 -17.16
C ALA B 75 -10.51 -4.35 -17.63
N GLY B 76 -10.40 -5.41 -16.83
CA GLY B 76 -9.58 -6.58 -17.14
C GLY B 76 -8.22 -6.54 -16.46
N GLY B 77 -7.83 -5.37 -15.95
CA GLY B 77 -6.56 -5.18 -15.26
C GLY B 77 -5.41 -4.93 -16.22
N GLY B 78 -4.19 -5.23 -15.75
CA GLY B 78 -2.97 -5.06 -16.55
C GLY B 78 -1.84 -5.92 -16.04
N ILE B 79 -0.64 -5.68 -16.56
CA ILE B 79 0.57 -6.46 -16.24
C ILE B 79 1.50 -5.59 -15.37
N ILE B 80 1.99 -6.20 -14.27
CA ILE B 80 2.96 -5.58 -13.39
C ILE B 80 4.35 -6.14 -13.73
N VAL B 81 5.33 -5.25 -13.89
CA VAL B 81 6.72 -5.62 -14.11
C VAL B 81 7.59 -4.87 -13.12
N ALA B 82 8.15 -5.61 -12.15
CA ALA B 82 9.07 -5.08 -11.15
C ALA B 82 10.51 -5.40 -11.57
N ILE B 83 11.32 -4.34 -11.74
CA ILE B 83 12.71 -4.46 -12.15
C ILE B 83 13.60 -4.24 -10.93
N GLY B 84 14.13 -5.35 -10.39
CA GLY B 84 14.92 -5.34 -9.15
C GLY B 84 16.29 -5.96 -9.35
N TYR B 85 16.88 -6.42 -8.24
CA TYR B 85 18.23 -7.00 -8.21
C TYR B 85 18.20 -8.33 -7.46
N PRO B 86 19.23 -9.20 -7.65
CA PRO B 86 19.37 -10.41 -6.84
C PRO B 86 19.73 -10.02 -5.40
N LEU B 87 18.77 -10.17 -4.48
CA LEU B 87 18.92 -9.76 -3.08
C LEU B 87 18.43 -10.87 -2.15
N LYS B 88 18.94 -10.86 -0.92
CA LYS B 88 18.60 -11.80 0.12
C LYS B 88 18.62 -11.09 1.48
N GLY B 89 17.43 -10.93 2.09
CA GLY B 89 17.29 -10.38 3.44
C GLY B 89 17.12 -8.86 3.44
N LYS B 90 16.87 -8.27 2.26
CA LYS B 90 16.64 -6.83 2.11
C LYS B 90 16.00 -6.55 0.75
N LEU B 91 15.45 -5.34 0.60
CA LEU B 91 14.62 -4.96 -0.55
C LEU B 91 15.33 -3.95 -1.45
N TYR B 92 16.57 -3.57 -1.11
CA TYR B 92 17.30 -2.54 -1.85
C TYR B 92 18.77 -2.93 -2.00
N ASP B 93 19.34 -2.55 -3.16
CA ASP B 93 20.78 -2.59 -3.40
C ASP B 93 21.26 -1.15 -3.59
N ALA B 94 21.80 -0.56 -2.52
CA ALA B 94 22.19 0.85 -2.46
C ALA B 94 23.22 1.17 -3.57
N ARG B 95 24.17 0.25 -3.78
CA ARG B 95 25.27 0.43 -4.73
C ARG B 95 24.73 0.44 -6.16
N ARG B 96 23.94 -0.59 -6.51
CA ARG B 96 23.41 -0.76 -7.87
C ARG B 96 22.47 0.40 -8.21
N ARG B 97 21.55 0.72 -7.29
CA ARG B 97 20.48 1.70 -7.55
C ARG B 97 21.06 3.11 -7.64
N SER B 98 22.15 3.37 -6.89
CA SER B 98 22.84 4.66 -6.92
C SER B 98 23.28 5.00 -8.35
N PHE B 99 23.76 3.99 -9.08
CA PHE B 99 24.22 4.16 -10.45
C PHE B 99 23.01 4.19 -11.42
N ASP B 100 22.12 3.21 -11.27
CA ASP B 100 21.05 2.94 -12.24
C ASP B 100 20.02 4.09 -12.29
N LEU B 101 19.79 4.77 -11.15
CA LEU B 101 18.63 5.65 -11.00
C LEU B 101 19.02 7.14 -11.10
N THR B 102 20.32 7.46 -11.11
CA THR B 102 20.78 8.86 -11.12
C THR B 102 21.28 9.24 -12.51
N PRO B 103 20.97 10.47 -13.00
CA PRO B 103 21.41 10.90 -14.31
C PRO B 103 22.89 11.29 -14.33
N PRO B 104 23.55 11.30 -15.52
CA PRO B 104 24.97 11.61 -15.61
C PRO B 104 25.27 13.11 -15.43
N THR B 105 26.25 13.43 -14.58
CA THR B 105 26.78 14.79 -14.41
C THR B 105 28.29 14.71 -14.19
N ALA B 106 28.98 15.84 -14.42
CA ALA B 106 30.43 15.93 -14.38
C ALA B 106 30.95 15.91 -12.94
N CYS B 107 30.12 16.38 -12.00
CA CYS B 107 30.50 16.54 -10.60
CA CYS B 107 30.50 16.54 -10.59
C CYS B 107 29.95 15.38 -9.74
N ALA B 108 29.30 14.41 -10.40
CA ALA B 108 28.75 13.24 -9.72
C ALA B 108 29.89 12.36 -9.19
N PRO B 109 29.80 11.83 -7.94
CA PRO B 109 30.85 10.95 -7.42
C PRO B 109 30.91 9.61 -8.16
N VAL B 110 31.83 8.74 -7.73
CA VAL B 110 31.98 7.40 -8.29
C VAL B 110 30.74 6.59 -7.95
N GLY B 111 30.21 5.86 -8.94
CA GLY B 111 29.08 4.95 -8.77
C GLY B 111 27.74 5.62 -9.01
N TYR B 112 27.74 6.77 -9.70
CA TYR B 112 26.52 7.52 -10.04
C TYR B 112 26.52 7.84 -11.54
N GLY B 113 25.33 8.10 -12.07
CA GLY B 113 25.15 8.64 -13.42
C GLY B 113 25.02 7.56 -14.49
N GLY B 114 24.23 6.52 -14.18
CA GLY B 114 24.01 5.39 -15.09
C GLY B 114 22.55 5.22 -15.48
N ALA B 115 21.80 6.32 -15.49
CA ALA B 115 20.36 6.32 -15.72
C ALA B 115 20.04 5.91 -17.17
N ASP B 116 20.84 6.42 -18.11
CA ASP B 116 20.62 6.21 -19.55
C ASP B 116 20.91 4.75 -19.90
N VAL B 117 21.90 4.15 -19.24
CA VAL B 117 22.25 2.74 -19.41
C VAL B 117 21.05 1.88 -18.96
N PHE B 118 20.45 2.26 -17.84
CA PHE B 118 19.36 1.51 -17.22
C PHE B 118 18.06 1.66 -18.02
N LEU B 119 17.80 2.88 -18.53
CA LEU B 119 16.60 3.14 -19.34
C LEU B 119 16.67 2.38 -20.66
N ASP B 120 17.87 2.31 -21.26
CA ASP B 120 18.12 1.55 -22.47
C ASP B 120 17.85 0.06 -22.22
N PHE B 121 18.27 -0.42 -21.03
CA PHE B 121 18.06 -1.81 -20.61
C PHE B 121 16.54 -2.11 -20.52
N ILE B 122 15.78 -1.17 -19.99
CA ILE B 122 14.32 -1.34 -19.80
C ILE B 122 13.64 -1.46 -21.17
N GLU B 123 14.04 -0.60 -22.12
CA GLU B 123 13.40 -0.51 -23.43
C GLU B 123 13.84 -1.65 -24.35
N ASN B 124 15.12 -2.02 -24.28
CA ASN B 124 15.74 -2.90 -25.29
C ASN B 124 15.83 -4.35 -24.80
N SER B 125 15.68 -4.58 -23.49
CA SER B 125 15.83 -5.93 -22.90
C SER B 125 14.57 -6.37 -22.16
N VAL B 126 14.12 -5.56 -21.20
CA VAL B 126 13.01 -5.91 -20.31
C VAL B 126 11.70 -5.98 -21.11
N ARG B 127 11.44 -4.94 -21.91
CA ARG B 127 10.18 -4.80 -22.66
C ARG B 127 10.01 -5.97 -23.62
N PRO B 128 11.00 -6.29 -24.51
CA PRO B 128 10.91 -7.47 -25.37
C PRO B 128 10.74 -8.80 -24.60
N ALA B 129 11.48 -8.96 -23.50
CA ALA B 129 11.45 -10.18 -22.69
C ALA B 129 10.04 -10.43 -22.15
N VAL B 130 9.37 -9.36 -21.71
CA VAL B 130 8.00 -9.42 -21.20
C VAL B 130 7.04 -9.73 -22.36
N GLN B 131 7.23 -9.03 -23.49
CA GLN B 131 6.39 -9.21 -24.69
C GLN B 131 6.45 -10.67 -25.16
N ALA B 132 7.64 -11.29 -25.05
CA ALA B 132 7.87 -12.68 -25.45
C ALA B 132 7.04 -13.63 -24.58
N ARG B 133 6.95 -13.32 -23.28
CA ARG B 133 6.26 -14.17 -22.30
C ARG B 133 4.73 -14.01 -22.40
N PHE B 134 4.28 -12.92 -23.05
CA PHE B 134 2.86 -12.69 -23.34
C PHE B 134 2.68 -12.45 -24.84
N PRO B 135 2.84 -13.49 -25.69
CA PRO B 135 2.76 -13.31 -27.15
C PRO B 135 1.44 -12.72 -27.65
N GLN B 136 0.33 -13.15 -27.06
CA GLN B 136 -1.02 -12.81 -27.52
C GLN B 136 -1.45 -11.44 -27.00
N VAL B 137 -0.73 -10.92 -26.00
CA VAL B 137 -0.98 -9.59 -25.42
C VAL B 137 -0.19 -8.56 -26.24
N SER B 138 -0.85 -7.43 -26.54
CA SER B 138 -0.21 -6.26 -27.14
C SER B 138 -0.13 -5.15 -26.08
N LEU B 139 1.00 -4.42 -26.07
CA LEU B 139 1.24 -3.36 -25.10
C LEU B 139 0.43 -2.12 -25.50
N ALA B 140 -0.75 -1.96 -24.90
CA ALA B 140 -1.67 -0.86 -25.17
C ALA B 140 -1.02 0.48 -24.77
N ARG B 141 -0.40 0.50 -23.59
CA ARG B 141 0.30 1.67 -23.08
C ARG B 141 1.28 1.23 -21.97
N GLU B 142 2.33 2.04 -21.77
CA GLU B 142 3.43 1.72 -20.86
C GLU B 142 3.61 2.86 -19.85
N ALA B 143 3.80 2.49 -18.58
CA ALA B 143 4.07 3.43 -17.49
C ALA B 143 5.41 3.07 -16.83
N LEU B 144 6.15 4.10 -16.42
CA LEU B 144 7.39 3.97 -15.66
C LEU B 144 7.18 4.56 -14.26
N TYR B 145 7.29 3.71 -13.24
CA TYR B 145 7.16 4.11 -11.84
C TYR B 145 8.52 4.01 -11.15
N GLY B 146 8.80 4.98 -10.25
CA GLY B 146 9.96 4.94 -9.38
C GLY B 146 9.78 5.83 -8.15
N HIS B 147 10.47 5.44 -7.06
CA HIS B 147 10.41 6.14 -5.78
C HIS B 147 11.83 6.44 -5.26
N SER B 148 12.11 7.75 -5.10
CA SER B 148 13.20 8.46 -4.40
C SER B 148 14.13 8.81 -5.57
N TYR B 149 15.24 8.07 -5.68
CA TYR B 149 16.07 8.09 -6.88
C TYR B 149 15.27 7.58 -8.08
N GLY B 150 14.36 6.63 -7.83
CA GLY B 150 13.45 6.07 -8.85
C GLY B 150 12.59 7.14 -9.49
N GLY B 151 12.12 8.10 -8.68
CA GLY B 151 11.33 9.23 -9.14
C GLY B 151 12.18 10.21 -9.95
N LEU B 152 13.43 10.37 -9.53
CA LEU B 152 14.43 11.17 -10.26
C LEU B 152 14.69 10.56 -11.64
N LEU B 153 14.70 9.23 -11.72
CA LEU B 153 14.86 8.50 -12.99
C LEU B 153 13.64 8.75 -13.89
N ALA B 154 12.45 8.67 -13.29
CA ALA B 154 11.17 8.84 -13.99
C ALA B 154 11.11 10.24 -14.63
N LEU B 155 11.53 11.26 -13.86
CA LEU B 155 11.58 12.65 -14.32
C LEU B 155 12.63 12.79 -15.42
N HIS B 156 13.80 12.19 -15.21
CA HIS B 156 14.90 12.21 -16.17
C HIS B 156 14.46 11.58 -17.49
N ALA B 157 13.71 10.46 -17.40
CA ALA B 157 13.20 9.74 -18.57
C ALA B 157 12.23 10.62 -19.35
N LEU B 158 11.35 11.33 -18.64
CA LEU B 158 10.35 12.23 -19.24
C LEU B 158 11.06 13.35 -20.03
N PHE B 159 12.08 13.96 -19.43
CA PHE B 159 12.71 15.16 -19.95
C PHE B 159 13.67 14.86 -21.10
N THR B 160 14.21 13.63 -21.16
CA THR B 160 15.26 13.28 -22.14
C THR B 160 14.74 12.31 -23.20
N ARG B 161 13.80 11.42 -22.85
CA ARG B 161 13.20 10.47 -23.79
C ARG B 161 11.69 10.40 -23.55
N PRO B 162 10.94 11.52 -23.77
CA PRO B 162 9.52 11.58 -23.42
C PRO B 162 8.63 10.54 -24.12
N GLN B 163 8.99 10.12 -25.33
CA GLN B 163 8.17 9.22 -26.15
C GLN B 163 8.44 7.75 -25.79
N SER B 164 9.38 7.51 -24.86
CA SER B 164 9.76 6.16 -24.43
C SER B 164 8.60 5.47 -23.69
N PHE B 165 7.91 6.24 -22.84
CA PHE B 165 6.74 5.76 -22.08
C PHE B 165 5.58 6.74 -22.25
N ASP B 166 4.35 6.25 -22.01
CA ASP B 166 3.12 7.02 -22.14
C ASP B 166 2.85 7.79 -20.85
N CYS B 167 3.21 7.20 -19.70
CA CYS B 167 2.98 7.80 -18.39
C CYS B 167 4.26 7.64 -17.53
N TYR B 168 4.55 8.70 -16.77
CA TYR B 168 5.69 8.73 -15.85
C TYR B 168 5.16 9.02 -14.44
N ILE B 169 5.48 8.13 -13.49
CA ILE B 169 5.02 8.24 -12.11
C ILE B 169 6.24 8.42 -11.20
N ALA B 170 6.40 9.63 -10.66
CA ALA B 170 7.51 10.00 -9.79
C ALA B 170 7.02 10.11 -8.34
N SER B 171 7.33 9.09 -7.53
CA SER B 171 6.94 9.02 -6.12
C SER B 171 8.05 9.60 -5.25
N SER B 172 7.78 10.76 -4.63
CA SER B 172 8.73 11.45 -3.76
C SER B 172 10.09 11.56 -4.44
N PRO B 173 10.17 12.20 -5.64
CA PRO B 173 11.41 12.22 -6.42
C PRO B 173 12.55 12.99 -5.71
N SER B 174 13.77 12.45 -5.80
CA SER B 174 14.95 13.02 -5.15
C SER B 174 15.50 14.17 -6.00
N ILE B 175 14.73 15.26 -6.07
CA ILE B 175 15.05 16.43 -6.89
C ILE B 175 16.29 17.13 -6.32
N TRP B 176 16.46 17.05 -4.99
CA TRP B 176 17.61 17.62 -4.26
C TRP B 176 18.96 17.14 -4.81
N TRP B 177 19.01 15.88 -5.28
CA TRP B 177 20.27 15.20 -5.63
C TRP B 177 21.13 16.07 -6.56
N ASN B 178 22.39 16.26 -6.14
CA ASN B 178 23.43 16.91 -6.94
C ASN B 178 23.03 18.35 -7.28
N SER B 179 22.67 19.12 -6.24
CA SER B 179 22.36 20.55 -6.34
C SER B 179 21.30 20.80 -7.42
N LEU B 180 20.22 20.01 -7.38
CA LEU B 180 19.03 20.19 -8.22
C LEU B 180 19.44 20.22 -9.70
N CYS B 181 20.16 19.18 -10.14
CA CYS B 181 20.68 19.08 -11.51
C CYS B 181 19.56 18.72 -12.49
N ILE B 182 18.46 18.16 -11.97
CA ILE B 182 17.30 17.75 -12.79
C ILE B 182 16.60 18.99 -13.37
N LEU B 183 16.72 20.14 -12.70
CA LEU B 183 16.04 21.37 -13.09
C LEU B 183 16.57 21.88 -14.44
N HIS B 184 17.85 21.59 -14.73
CA HIS B 184 18.46 21.93 -16.03
C HIS B 184 17.72 21.21 -17.16
N GLU B 185 17.48 19.90 -16.98
CA GLU B 185 16.81 19.05 -17.95
C GLU B 185 15.33 19.46 -18.07
N ALA B 186 14.72 19.81 -16.93
CA ALA B 186 13.32 20.25 -16.86
C ALA B 186 13.12 21.52 -17.69
N LYS B 187 14.07 22.47 -17.56
CA LYS B 187 14.01 23.76 -18.25
C LYS B 187 14.15 23.55 -19.76
N ALA B 188 15.07 22.67 -20.16
CA ALA B 188 15.32 22.34 -21.57
C ALA B 188 14.06 21.71 -22.20
N PHE B 189 13.37 20.88 -21.42
CA PHE B 189 12.20 20.12 -21.86
C PHE B 189 11.06 21.08 -22.25
N VAL B 190 10.74 22.03 -21.35
CA VAL B 190 9.59 22.92 -21.52
C VAL B 190 9.85 23.94 -22.64
N GLU B 191 11.11 24.32 -22.84
CA GLU B 191 11.48 25.43 -23.73
C GLU B 191 11.45 24.98 -25.20
N THR B 192 11.70 23.69 -25.45
CA THR B 192 11.67 23.13 -26.81
C THR B 192 10.21 22.86 -27.20
N GLN B 199 0.33 11.44 -28.81
CA GLN B 199 0.43 12.83 -28.39
C GLN B 199 1.56 12.94 -27.35
N SER B 200 1.35 13.74 -26.30
CA SER B 200 2.33 13.97 -25.25
C SER B 200 2.10 12.99 -24.10
N PRO B 201 3.14 12.65 -23.31
CA PRO B 201 2.97 11.77 -22.15
C PRO B 201 2.37 12.50 -20.95
N SER B 202 1.95 11.72 -19.94
CA SER B 202 1.40 12.24 -18.69
C SER B 202 2.42 12.07 -17.57
N LEU B 203 2.23 12.83 -16.49
CA LEU B 203 3.11 12.82 -15.32
C LEU B 203 2.26 12.75 -14.04
N MET B 204 2.64 11.83 -13.14
CA MET B 204 2.03 11.69 -11.82
C MET B 204 3.12 11.88 -10.76
N VAL B 205 3.00 12.95 -9.96
CA VAL B 205 3.93 13.27 -8.88
C VAL B 205 3.22 13.10 -7.54
N SER B 206 3.95 12.63 -6.53
CA SER B 206 3.39 12.44 -5.19
C SER B 206 4.51 12.53 -4.14
N TRP B 207 4.09 12.79 -2.90
CA TRP B 207 4.99 12.86 -1.74
C TRP B 207 4.16 12.76 -0.45
N GLY B 208 4.84 12.41 0.64
CA GLY B 208 4.25 12.37 1.98
C GLY B 208 4.39 13.71 2.68
N SER B 209 3.39 14.04 3.51
CA SER B 209 3.33 15.34 4.20
C SER B 209 4.41 15.44 5.29
N TRP B 210 4.79 14.29 5.85
CA TRP B 210 5.73 14.21 6.98
C TRP B 210 7.18 14.11 6.50
N GLU B 211 7.41 14.16 5.18
CA GLU B 211 8.75 14.06 4.61
C GLU B 211 9.53 15.35 4.91
N GLN B 212 8.98 16.49 4.49
CA GLN B 212 9.62 17.80 4.67
C GLN B 212 9.32 18.35 6.07
N HIS B 213 8.16 17.99 6.63
CA HIS B 213 7.73 18.45 7.95
C HIS B 213 7.41 17.25 8.84
N PRO B 214 8.44 16.52 9.33
CA PRO B 214 8.21 15.35 10.18
C PRO B 214 7.81 15.73 11.59
N PRO B 215 6.80 15.05 12.20
CA PRO B 215 6.50 15.25 13.62
C PRO B 215 7.53 14.52 14.50
N ARG B 216 7.59 14.92 15.77
CA ARG B 216 8.52 14.36 16.74
C ARG B 216 8.00 12.97 17.18
N TRP B 217 8.92 12.01 17.30
CA TRP B 217 8.59 10.68 17.81
C TRP B 217 8.41 10.74 19.32
N ALA B 218 7.81 9.68 19.88
CA ALA B 218 7.65 9.52 21.33
C ALA B 218 9.02 9.18 21.94
N ASP B 219 9.35 9.87 23.03
CA ASP B 219 10.62 9.71 23.77
C ASP B 219 11.81 9.95 22.83
N GLU B 220 11.70 10.98 21.99
CA GLU B 220 12.78 11.43 21.12
C GLU B 220 13.40 12.69 21.72
N LEU B 221 14.73 12.69 21.86
CA LEU B 221 15.47 13.87 22.33
C LEU B 221 15.38 14.98 21.28
N LEU B 222 15.34 16.22 21.74
CA LEU B 222 15.15 17.39 20.88
C LEU B 222 16.29 17.48 19.87
N ASP B 223 17.51 17.19 20.31
CA ASP B 223 18.71 17.26 19.49
C ASP B 223 18.55 16.33 18.28
N HIS B 224 18.09 15.10 18.53
CA HIS B 224 17.87 14.09 17.50
C HIS B 224 16.78 14.56 16.52
N TYR B 225 15.72 15.17 17.05
CA TYR B 225 14.58 15.64 16.26
C TYR B 225 15.00 16.80 15.34
N GLU B 226 15.79 17.72 15.89
CA GLU B 226 16.29 18.90 15.15
C GLU B 226 17.21 18.45 14.02
N ALA B 227 17.93 17.34 14.22
CA ALA B 227 18.81 16.76 13.21
C ALA B 227 17.98 16.22 12.02
N ARG B 228 16.83 15.61 12.33
CA ARG B 228 15.91 15.09 11.31
C ARG B 228 15.26 16.25 10.54
N LYS B 229 14.93 17.33 11.26
CA LYS B 229 14.32 18.53 10.66
C LYS B 229 15.34 19.23 9.75
N ARG B 230 16.62 19.19 10.14
CA ARG B 230 17.72 19.76 9.36
C ARG B 230 17.79 19.05 8.00
N THR B 231 17.76 17.72 8.02
CA THR B 231 17.78 16.89 6.81
C THR B 231 16.55 17.21 5.96
N ALA B 232 15.37 17.16 6.57
CA ALA B 232 14.09 17.37 5.90
C ALA B 232 14.08 18.72 5.16
N ALA B 233 14.61 19.76 5.82
CA ALA B 233 14.67 21.12 5.27
C ALA B 233 15.58 21.17 4.04
N GLU B 234 16.73 20.48 4.13
CA GLU B 234 17.75 20.48 3.08
C GLU B 234 17.25 19.72 1.84
N LEU B 235 16.58 18.58 2.07
CA LEU B 235 16.08 17.72 0.99
C LEU B 235 14.88 18.40 0.30
N ARG B 236 14.03 19.06 1.10
CA ARG B 236 13.00 19.97 0.60
C ARG B 236 12.08 19.23 -0.37
N MET B 237 11.54 18.09 0.07
CA MET B 237 10.83 17.12 -0.78
C MET B 237 9.60 17.78 -1.41
N ALA B 238 8.69 18.29 -0.57
CA ALA B 238 7.37 18.76 -1.01
C ALA B 238 7.52 20.02 -1.88
N ASP B 239 8.32 20.98 -1.42
CA ASP B 239 8.47 22.28 -2.09
C ASP B 239 9.12 22.11 -3.46
N ASN B 240 10.17 21.28 -3.54
CA ASN B 240 10.89 21.01 -4.80
C ASN B 240 9.92 20.41 -5.83
N ALA B 241 9.10 19.46 -5.38
CA ALA B 241 8.12 18.78 -6.23
C ALA B 241 7.08 19.79 -6.76
N LEU B 242 6.57 20.64 -5.85
CA LEU B 242 5.57 21.67 -6.18
C LEU B 242 6.20 22.72 -7.10
N ASP B 243 7.48 23.04 -6.87
CA ASP B 243 8.24 23.98 -7.70
C ASP B 243 8.40 23.42 -9.11
N LEU B 244 8.71 22.12 -9.21
CA LEU B 244 8.89 21.45 -10.50
C LEU B 244 7.55 21.37 -11.25
N CYS B 245 6.49 21.00 -10.53
CA CYS B 245 5.15 20.89 -11.09
C CYS B 245 4.69 22.25 -11.65
N ALA B 246 4.96 23.32 -10.89
CA ALA B 246 4.61 24.69 -11.26
C ALA B 246 5.30 25.08 -12.58
N MET B 247 6.56 24.67 -12.72
CA MET B 247 7.38 24.97 -13.91
C MET B 247 6.84 24.23 -15.13
N LEU B 248 6.35 23.00 -14.93
CA LEU B 248 5.88 22.13 -16.01
C LEU B 248 4.45 22.47 -16.43
N HIS B 249 3.70 23.15 -15.55
CA HIS B 249 2.32 23.53 -15.84
C HIS B 249 2.28 24.45 -17.07
N GLY B 250 1.37 24.14 -18.00
CA GLY B 250 1.22 24.88 -19.25
C GLY B 250 2.32 24.56 -20.25
N CYS B 251 2.86 23.34 -20.18
CA CYS B 251 3.89 22.86 -21.10
C CYS B 251 3.22 22.21 -22.31
N SER B 252 3.81 22.44 -23.50
CA SER B 252 3.29 21.94 -24.77
C SER B 252 3.48 20.42 -24.88
N ARG B 253 4.53 19.90 -24.23
CA ARG B 253 4.96 18.50 -24.38
C ARG B 253 4.46 17.65 -23.20
N LEU B 254 3.35 18.05 -22.56
CA LEU B 254 2.78 17.33 -21.43
C LEU B 254 1.26 17.37 -21.53
N HIS B 255 0.63 16.19 -21.61
CA HIS B 255 -0.82 16.05 -21.75
C HIS B 255 -1.51 16.43 -20.43
N ALA B 256 -1.09 15.78 -19.33
CA ALA B 256 -1.68 15.98 -18.01
C ALA B 256 -0.60 15.89 -16.93
N LEU B 257 -0.84 16.59 -15.82
CA LEU B 257 0.05 16.60 -14.66
C LEU B 257 -0.80 16.46 -13.39
N ILE B 258 -0.66 15.32 -12.71
CA ILE B 258 -1.35 15.03 -11.46
C ILE B 258 -0.33 15.10 -10.32
N LYS B 259 -0.69 15.81 -9.25
CA LYS B 259 0.14 15.93 -8.06
C LYS B 259 -0.72 15.66 -6.82
N THR B 260 -0.23 14.77 -5.95
CA THR B 260 -0.92 14.36 -4.73
C THR B 260 0.02 14.50 -3.53
N GLU B 261 -0.56 14.87 -2.38
CA GLU B 261 0.13 14.88 -1.10
C GLU B 261 -0.64 13.94 -0.15
N TYR B 262 0.08 12.95 0.41
CA TYR B 262 -0.52 11.95 1.27
C TYR B 262 -0.38 12.38 2.74
N GLU B 263 -1.53 12.52 3.40
CA GLU B 263 -1.64 13.02 4.78
C GLU B 263 -1.01 12.00 5.75
N GLY B 264 -0.03 12.47 6.51
CA GLY B 264 0.58 11.73 7.62
C GLY B 264 1.41 10.54 7.16
N GLU B 265 2.05 10.68 5.98
CA GLU B 265 2.86 9.63 5.38
C GLU B 265 4.32 10.09 5.32
N ASP B 266 5.24 9.17 5.65
CA ASP B 266 6.69 9.41 5.61
C ASP B 266 7.24 8.87 4.28
N HIS B 267 8.56 9.00 4.09
CA HIS B 267 9.26 8.67 2.85
C HIS B 267 9.06 7.19 2.48
N THR B 268 9.03 6.31 3.49
CA THR B 268 8.92 4.85 3.27
C THR B 268 7.46 4.44 3.11
N SER B 269 6.59 4.95 3.99
CA SER B 269 5.19 4.50 4.09
C SER B 269 4.38 4.93 2.86
N VAL B 270 4.72 6.08 2.29
CA VAL B 270 3.97 6.69 1.17
C VAL B 270 4.07 5.80 -0.08
N MET B 271 5.14 5.00 -0.17
CA MET B 271 5.40 4.10 -1.30
C MET B 271 4.17 3.21 -1.57
N SER B 272 3.55 2.73 -0.49
CA SER B 272 2.36 1.87 -0.56
C SER B 272 1.21 2.59 -1.29
N CYS B 273 1.04 3.89 -0.96
CA CYS B 273 -0.04 4.72 -1.51
C CYS B 273 0.21 5.04 -2.99
N SER B 274 1.42 5.55 -3.28
CA SER B 274 1.76 6.09 -4.61
C SER B 274 1.71 5.01 -5.68
N VAL B 275 2.27 3.82 -5.38
CA VAL B 275 2.31 2.70 -6.33
C VAL B 275 0.89 2.20 -6.59
N SER B 276 0.06 2.20 -5.55
CA SER B 276 -1.34 1.75 -5.63
C SER B 276 -2.16 2.73 -6.47
N ARG B 277 -2.01 4.03 -6.19
CA ARG B 277 -2.65 5.11 -6.94
C ARG B 277 -2.19 5.09 -8.40
N GLY B 278 -0.87 4.90 -8.59
CA GLY B 278 -0.23 4.94 -9.90
C GLY B 278 -0.84 3.93 -10.86
N LEU B 279 -0.83 2.65 -10.47
CA LEU B 279 -1.29 1.56 -11.33
C LEU B 279 -2.82 1.63 -11.50
N THR B 280 -3.52 2.08 -10.45
CA THR B 280 -4.98 2.19 -10.47
C THR B 280 -5.43 3.13 -11.59
N MET B 281 -4.92 4.36 -11.56
CA MET B 281 -5.30 5.42 -12.49
C MET B 281 -4.86 5.05 -13.92
N PHE B 282 -3.64 4.50 -14.05
CA PHE B 282 -3.06 4.17 -15.35
C PHE B 282 -3.85 3.03 -16.02
N PHE B 283 -4.31 2.07 -15.23
CA PHE B 283 -5.02 0.89 -15.72
C PHE B 283 -6.48 1.24 -16.07
N GLU B 284 -7.12 2.03 -15.19
CA GLU B 284 -8.59 2.19 -15.20
C GLU B 284 -9.01 3.56 -15.75
N ASP B 285 -8.25 4.62 -15.45
CA ASP B 285 -8.67 6.00 -15.69
C ASP B 285 -7.87 6.63 -16.84
N TRP B 286 -7.51 5.84 -17.86
CA TRP B 286 -6.80 6.32 -19.04
C TRP B 286 -7.80 6.59 -20.16
N PRO B 287 -7.69 7.74 -20.85
CA PRO B 287 -6.70 8.78 -20.62
C PRO B 287 -7.13 9.78 -19.53
N PHE B 288 -6.15 10.49 -18.95
CA PHE B 288 -6.39 11.43 -17.86
C PHE B 288 -7.02 12.72 -18.39
N HIS B 289 -7.68 13.47 -17.49
CA HIS B 289 -8.21 14.80 -17.78
C HIS B 289 -7.05 15.77 -18.00
N GLN B 290 -7.28 16.77 -18.86
CA GLN B 290 -6.28 17.75 -19.25
C GLN B 290 -6.04 18.73 -18.09
N SER B 291 -5.19 18.32 -17.14
CA SER B 291 -4.84 19.12 -15.96
C SER B 291 -3.34 19.42 -15.97
N3 FN8 C . -21.79 -5.21 -0.65
C4 FN8 C . -16.27 -5.30 -0.40
C5 FN8 C . -15.68 -4.51 0.77
C6 FN8 C . -17.30 -3.71 2.44
C7 FN8 C . -18.77 -3.34 2.23
C8 FN8 C . -19.53 -4.53 1.61
C10 FN8 C . -21.76 -5.37 0.82
C13 FN8 C . -18.72 0.12 0.57
C84 FN8 C . -16.23 -9.39 -3.97
N82 FN8 C . -17.21 -8.34 -3.64
O83 FN8 C . -18.46 -8.34 -4.38
C80 FN8 C . -17.03 -7.39 -2.69
O81 FN8 C . -17.87 -6.53 -2.45
C2 FN8 C . -15.69 -7.44 -1.93
C3 FN8 C . -15.32 -6.43 -0.84
C11 FN8 C . -13.96 -6.60 -0.18
O7 FN8 C . -16.62 -3.52 1.19
O8 FN8 C . -17.20 -5.05 2.94
N2 FN8 C . -18.84 -2.20 1.29
C12 FN8 C . -18.64 -0.93 1.68
O9 FN8 C . -18.41 -0.59 2.85
C9 FN8 C . -21.02 -4.19 1.46
O3 FN8 C . -20.89 -6.09 -1.41
C14 FN8 C . -22.56 -4.34 -1.34
O71 FN8 C . -22.53 -4.27 -2.57
C72 FN8 C . -23.50 -3.42 -0.55
C91 FN8 C . -24.39 -2.41 -1.29
FE FE D . -21.35 -5.76 -3.36
C1 GOL E . 0.10 -26.03 13.37
O1 GOL E . -0.41 -26.03 12.03
C2 GOL E . -0.42 -24.82 14.13
O2 GOL E . -1.85 -24.87 14.15
C3 GOL E . 0.12 -24.81 15.56
O3 GOL E . 0.99 -23.71 15.81
C1 GOL F . -5.44 -15.71 -3.32
O1 GOL F . -6.72 -15.56 -2.71
C2 GOL F . -4.37 -15.07 -2.43
O2 GOL F . -4.36 -15.73 -1.15
C3 GOL F . -3.01 -15.19 -3.10
O3 GOL F . -2.06 -14.29 -2.48
C1 GOL G . -17.29 -0.73 -4.33
O1 GOL G . -16.38 -1.43 -3.48
C2 GOL G . -17.16 0.77 -4.13
O2 GOL G . -17.22 1.09 -2.72
C3 GOL G . -15.84 1.28 -4.72
O3 GOL G . -16.07 1.82 -6.03
N3 FN8 H . 20.62 8.32 1.00
C4 FN8 H . 16.00 4.99 -0.07
C5 FN8 H . 15.01 5.77 -0.95
C6 FN8 H . 15.98 7.73 -2.08
C7 FN8 H . 17.09 8.67 -1.56
C8 FN8 H . 18.34 7.85 -1.17
C10 FN8 H . 19.96 9.31 0.12
C13 FN8 H . 15.33 11.04 0.88
C84 FN8 H . 17.95 0.50 2.22
N82 FN8 H . 18.51 1.84 1.90
O83 FN8 H . 19.92 2.06 2.27
C80 FN8 H . 17.84 2.84 1.31
O81 FN8 H . 18.36 3.93 1.08
C2 FN8 H . 16.37 2.55 0.95
C3 FN8 H . 15.47 3.59 0.28
C11 FN8 H . 14.02 3.21 -0.03
O7 FN8 H . 15.37 7.14 -0.92
O8 FN8 H . 16.54 6.76 -2.98
N2 FN8 H . 16.57 9.38 -0.38
C12 FN8 H . 15.78 10.46 -0.46
O9 FN8 H . 15.41 10.96 -1.51
C9 FN8 H . 19.61 8.72 -1.25
O3 FN8 H . 20.73 6.90 0.53
C14 FN8 H . 21.12 8.62 2.21
O71 FN8 H . 21.67 7.80 2.94
C72 FN8 H . 20.98 10.09 2.65
FE FE I . 20.33 6.21 2.79
C1 GOL J . 11.30 -10.51 -1.42
O1 GOL J . 10.02 -10.27 -2.01
C2 GOL J . 12.35 -9.60 -2.05
O2 GOL J . 12.42 -9.85 -3.47
C3 GOL J . 13.70 -9.85 -1.41
O3 GOL J . 14.68 -8.94 -1.94
C1 GOL K . -2.42 17.77 -2.86
O1 GOL K . -3.54 17.14 -3.50
C2 GOL K . -2.39 19.25 -3.22
O2 GOL K . -1.91 19.41 -4.56
C3 GOL K . -1.46 20.00 -2.26
O3 GOL K . -0.11 19.52 -2.41
C1 GOL L . 11.20 7.53 6.46
O1 GOL L . 11.44 6.53 5.46
C2 GOL L . 12.35 8.52 6.46
O2 GOL L . 11.92 9.77 7.02
C3 GOL L . 13.51 7.97 7.28
O3 GOL L . 14.65 8.84 7.20
C CO3 M . 14.57 -14.64 -20.95
O1 CO3 M . 14.62 -13.69 -21.72
O2 CO3 M . 15.44 -14.79 -20.11
O3 CO3 M . 13.66 -15.45 -21.05
C CO3 N . -1.93 5.12 -26.43
O1 CO3 N . -0.75 5.40 -26.65
O2 CO3 N . -2.56 4.43 -27.21
O3 CO3 N . -2.48 5.55 -25.42
#